data_7UYJ
#
_entry.id   7UYJ
#
_cell.length_a   95.370
_cell.length_b   95.370
_cell.length_c   93.150
_cell.angle_alpha   90.000
_cell.angle_beta   90.000
_cell.angle_gamma   120.000
#
_symmetry.space_group_name_H-M   'P 31 1 2'
#
loop_
_entity.id
_entity.type
_entity.pdbx_description
1 polymer 'E3 ubiquitin-protein ligase RNF31'
2 polymer 'Helicon FP06652'
3 non-polymer 'AMINO GROUP'
4 non-polymer "N,N'-(1,4-phenylene)diacetamide"
5 water water
#
loop_
_entity_poly.entity_id
_entity_poly.type
_entity_poly.pdbx_seq_one_letter_code
_entity_poly.pdbx_strand_id
1 'polypeptide(L)'
;GPLGSMPGEEEERAFLVAREELASALRRDSGQAFSLEQLRPLLASSLPLAARYLQLDAARLVRCNAHGEPRNYLNTLSTA
LNILEKYGRNLLSPQRPRYWRGVKFNNPVFRSTVDAVQGGRDVLRLYGYTEEQPDGLSFPEGQEEPDEHQVATVTLEVLL
LRTELSLLLQNTHPRQQALEQLLE
;
A,B
2 'polypeptide(L)' DPAIVQCAWAALYCDMQ C,D
#
# COMPACT_ATOMS: atom_id res chain seq x y z
N GLY A 8 -32.87 -8.65 -14.98
CA GLY A 8 -32.84 -9.95 -15.64
C GLY A 8 -31.43 -10.44 -15.96
N GLU A 9 -31.28 -11.10 -17.11
CA GLU A 9 -30.02 -11.76 -17.44
C GLU A 9 -28.93 -10.75 -17.77
N GLU A 10 -29.22 -9.81 -18.68
CA GLU A 10 -28.22 -8.82 -19.06
C GLU A 10 -27.71 -8.04 -17.85
N GLU A 11 -28.63 -7.62 -16.97
CA GLU A 11 -28.24 -6.88 -15.78
C GLU A 11 -27.41 -7.76 -14.84
N GLU A 12 -27.81 -9.02 -14.66
CA GLU A 12 -27.02 -9.92 -13.83
C GLU A 12 -25.64 -10.17 -14.44
N ARG A 13 -25.58 -10.32 -15.76
CA ARG A 13 -24.30 -10.55 -16.42
C ARG A 13 -23.38 -9.34 -16.31
N ALA A 14 -23.91 -8.15 -16.60
CA ALA A 14 -23.10 -6.94 -16.48
C ALA A 14 -22.55 -6.78 -15.08
N PHE A 15 -23.36 -7.11 -14.06
CA PHE A 15 -22.92 -7.01 -12.68
C PHE A 15 -21.77 -7.97 -12.38
N LEU A 16 -21.93 -9.24 -12.77
CA LEU A 16 -20.90 -10.23 -12.47
C LEU A 16 -19.62 -9.97 -13.26
N VAL A 17 -19.74 -9.55 -14.52
CA VAL A 17 -18.56 -9.23 -15.32
C VAL A 17 -17.81 -8.05 -14.70
N ALA A 18 -18.55 -7.01 -14.30
CA ALA A 18 -17.92 -5.87 -13.64
C ALA A 18 -17.22 -6.29 -12.35
N ARG A 19 -17.80 -7.25 -11.63
CA ARG A 19 -17.17 -7.72 -10.39
C ARG A 19 -15.84 -8.39 -10.68
N GLU A 20 -15.77 -9.20 -11.73
CA GLU A 20 -14.53 -9.91 -12.04
C GLU A 20 -13.46 -8.96 -12.56
N GLU A 21 -13.84 -7.94 -13.32
CA GLU A 21 -12.88 -6.94 -13.77
C GLU A 21 -12.17 -6.29 -12.58
N LEU A 22 -12.95 -5.90 -11.57
CA LEU A 22 -12.36 -5.25 -10.40
C LEU A 22 -11.64 -6.26 -9.51
N ALA A 23 -12.23 -7.44 -9.32
CA ALA A 23 -11.56 -8.48 -8.53
C ALA A 23 -10.23 -8.88 -9.15
N SER A 24 -10.17 -8.92 -10.49
CA SER A 24 -8.92 -9.23 -11.17
C SER A 24 -7.88 -8.14 -10.94
N ALA A 25 -8.30 -6.87 -10.97
CA ALA A 25 -7.38 -5.78 -10.70
C ALA A 25 -6.80 -5.88 -9.30
N LEU A 26 -7.62 -6.30 -8.34
CA LEU A 26 -7.13 -6.48 -6.97
C LEU A 26 -6.16 -7.65 -6.89
N ARG A 27 -6.45 -8.74 -7.60
CA ARG A 27 -5.53 -9.88 -7.62
C ARG A 27 -4.22 -9.52 -8.34
N ARG A 28 -4.29 -8.64 -9.33
CA ARG A 28 -3.08 -8.20 -10.02
C ARG A 28 -2.30 -7.16 -9.22
N ASP A 29 -3.01 -6.32 -8.46
CA ASP A 29 -2.38 -5.24 -7.70
C ASP A 29 -3.23 -5.00 -6.46
N SER A 30 -2.75 -5.47 -5.31
CA SER A 30 -3.52 -5.35 -4.07
C SER A 30 -3.63 -3.91 -3.57
N GLY A 31 -2.73 -3.03 -4.02
CA GLY A 31 -2.80 -1.63 -3.67
C GLY A 31 -3.64 -0.79 -4.60
N GLN A 32 -4.23 -1.39 -5.62
CA GLN A 32 -5.02 -0.66 -6.60
C GLN A 32 -6.18 0.07 -5.91
N ALA A 33 -6.28 1.37 -6.17
CA ALA A 33 -7.41 2.16 -5.71
C ALA A 33 -8.43 2.31 -6.83
N PHE A 34 -9.71 2.38 -6.45
CA PHE A 34 -10.80 2.48 -7.41
C PHE A 34 -11.54 3.79 -7.18
N SER A 35 -11.82 4.48 -8.28
CA SER A 35 -12.63 5.70 -8.20
C SER A 35 -14.10 5.33 -8.14
N LEU A 36 -14.93 6.35 -7.88
CA LEU A 36 -16.37 6.13 -7.92
C LEU A 36 -16.83 5.74 -9.31
N GLU A 37 -16.26 6.37 -10.34
CA GLU A 37 -16.65 6.07 -11.71
C GLU A 37 -16.33 4.64 -12.11
N GLN A 38 -15.20 4.10 -11.62
CA GLN A 38 -14.87 2.70 -11.86
C GLN A 38 -15.78 1.76 -11.10
N LEU A 39 -16.41 2.22 -10.02
CA LEU A 39 -17.34 1.41 -9.24
C LEU A 39 -18.78 1.65 -9.63
N ARG A 40 -19.04 2.61 -10.53
CA ARG A 40 -20.41 2.91 -10.94
C ARG A 40 -21.17 1.71 -11.50
N PRO A 41 -20.57 0.78 -12.25
CA PRO A 41 -21.33 -0.42 -12.66
C PRO A 41 -21.97 -1.16 -11.49
N LEU A 42 -21.32 -1.21 -10.33
CA LEU A 42 -21.86 -1.90 -9.17
C LEU A 42 -22.77 -1.00 -8.33
N LEU A 43 -22.46 0.29 -8.25
CA LEU A 43 -23.27 1.19 -7.43
C LEU A 43 -24.60 1.50 -8.09
N ALA A 44 -24.61 1.68 -9.40
CA ALA A 44 -25.82 2.03 -10.15
C ALA A 44 -26.61 0.83 -10.61
N SER A 45 -26.13 -0.40 -10.34
CA SER A 45 -26.84 -1.59 -10.76
C SER A 45 -28.18 -1.69 -10.05
N SER A 46 -29.23 -2.00 -10.80
CA SER A 46 -30.58 -2.11 -10.25
C SER A 46 -30.82 -3.43 -9.53
N LEU A 47 -29.78 -4.20 -9.24
CA LEU A 47 -29.97 -5.46 -8.53
C LEU A 47 -30.33 -5.19 -7.08
N PRO A 48 -31.18 -6.02 -6.47
CA PRO A 48 -31.49 -5.85 -5.04
C PRO A 48 -30.30 -6.25 -4.17
N LEU A 49 -30.44 -5.93 -2.88
CA LEU A 49 -29.32 -6.09 -1.95
C LEU A 49 -28.87 -7.54 -1.85
N ALA A 50 -29.82 -8.48 -1.81
CA ALA A 50 -29.45 -9.90 -1.75
C ALA A 50 -28.63 -10.31 -2.95
N ALA A 51 -28.84 -9.68 -4.09
CA ALA A 51 -28.09 -9.96 -5.31
C ALA A 51 -26.79 -9.18 -5.40
N ARG A 52 -26.69 -8.02 -4.75
CA ARG A 52 -25.47 -7.22 -4.85
C ARG A 52 -24.35 -7.81 -4.02
N TYR A 53 -24.65 -8.32 -2.84
CA TYR A 53 -23.64 -8.82 -1.91
C TYR A 53 -23.82 -10.33 -1.74
N LEU A 54 -22.95 -11.10 -2.39
CA LEU A 54 -23.04 -12.55 -2.37
C LEU A 54 -22.35 -13.18 -1.17
N GLN A 55 -21.38 -12.48 -0.57
CA GLN A 55 -20.62 -12.98 0.57
C GLN A 55 -20.89 -12.19 1.85
N LEU A 56 -20.85 -10.87 1.76
CA LEU A 56 -21.08 -10.02 2.93
C LEU A 56 -22.56 -10.01 3.27
N ASP A 57 -22.87 -10.30 4.54
CA ASP A 57 -24.23 -10.14 5.04
C ASP A 57 -24.42 -8.67 5.35
N ALA A 58 -24.57 -7.88 4.29
CA ALA A 58 -24.61 -6.43 4.41
C ALA A 58 -25.88 -5.96 5.11
N ALA A 59 -26.98 -6.71 4.98
CA ALA A 59 -28.22 -6.32 5.64
C ALA A 59 -28.04 -6.27 7.15
N ARG A 60 -27.50 -7.35 7.73
CA ARG A 60 -27.26 -7.38 9.18
C ARG A 60 -26.20 -6.36 9.57
N LEU A 61 -25.13 -6.23 8.79
CA LEU A 61 -24.04 -5.33 9.14
C LEU A 61 -24.54 -3.91 9.37
N VAL A 62 -25.45 -3.44 8.52
CA VAL A 62 -26.00 -2.10 8.66
C VAL A 62 -27.09 -2.07 9.71
N ARG A 63 -28.07 -2.96 9.60
CA ARG A 63 -29.26 -2.86 10.43
C ARG A 63 -28.98 -3.21 11.89
N CYS A 64 -28.12 -4.20 12.13
CA CYS A 64 -27.82 -4.62 13.50
C CYS A 64 -26.81 -3.71 14.19
N ASN A 65 -26.28 -2.71 13.49
CA ASN A 65 -25.43 -1.69 14.09
C ASN A 65 -26.05 -0.31 13.96
N ALA A 66 -27.35 -0.24 13.65
CA ALA A 66 -28.04 1.04 13.44
C ALA A 66 -28.55 1.56 14.78
N HIS A 67 -27.61 2.08 15.57
CA HIS A 67 -27.90 2.63 16.89
C HIS A 67 -27.52 4.10 16.89
N GLY A 68 -28.51 4.96 17.07
CA GLY A 68 -28.28 6.39 17.16
C GLY A 68 -28.52 7.13 15.86
N GLU A 69 -27.77 8.22 15.65
CA GLU A 69 -27.87 9.02 14.44
C GLU A 69 -27.06 8.38 13.31
N PRO A 70 -27.62 8.34 12.09
CA PRO A 70 -26.86 7.75 10.97
C PRO A 70 -25.50 8.39 10.75
N ARG A 71 -25.32 9.65 11.16
CA ARG A 71 -24.00 10.27 11.07
C ARG A 71 -22.95 9.50 11.87
N ASN A 72 -23.36 8.86 12.95
CA ASN A 72 -22.42 8.22 13.88
C ASN A 72 -22.17 6.75 13.54
N TYR A 73 -23.23 5.93 13.53
CA TYR A 73 -23.00 4.50 13.34
C TYR A 73 -22.61 4.14 11.91
N LEU A 74 -22.86 5.02 10.93
CA LEU A 74 -22.29 4.80 9.62
C LEU A 74 -20.80 5.11 9.58
N ASN A 75 -20.34 6.03 10.44
CA ASN A 75 -18.93 6.31 10.55
C ASN A 75 -18.20 5.18 11.28
N THR A 76 -18.78 4.71 12.39
CA THR A 76 -18.21 3.56 13.09
C THR A 76 -18.13 2.35 12.17
N LEU A 77 -19.19 2.10 11.39
CA LEU A 77 -19.20 0.98 10.47
C LEU A 77 -18.25 1.21 9.29
N SER A 78 -18.08 2.46 8.87
CA SER A 78 -17.15 2.76 7.79
C SER A 78 -15.72 2.44 8.21
N THR A 79 -15.34 2.85 9.42
CA THR A 79 -14.00 2.55 9.93
C THR A 79 -13.74 1.05 9.95
N ALA A 80 -14.69 0.28 10.49
CA ALA A 80 -14.54 -1.16 10.54
C ALA A 80 -14.39 -1.76 9.13
N LEU A 81 -15.24 -1.33 8.20
CA LEU A 81 -15.16 -1.83 6.83
C LEU A 81 -13.85 -1.40 6.18
N ASN A 82 -13.39 -0.18 6.45
CA ASN A 82 -12.10 0.27 5.93
C ASN A 82 -10.98 -0.65 6.41
N ILE A 83 -11.00 -1.02 7.69
CA ILE A 83 -9.97 -1.89 8.23
C ILE A 83 -10.08 -3.30 7.64
N LEU A 84 -11.31 -3.82 7.54
CA LEU A 84 -11.50 -5.16 6.97
C LEU A 84 -11.05 -5.21 5.52
N GLU A 85 -11.26 -4.11 4.78
CA GLU A 85 -10.74 -4.04 3.41
C GLU A 85 -9.22 -4.18 3.37
N LYS A 86 -8.52 -3.50 4.29
CA LYS A 86 -7.07 -3.56 4.30
C LYS A 86 -6.56 -4.93 4.72
N TYR A 87 -7.30 -5.62 5.59
CA TYR A 87 -6.98 -7.02 5.87
C TYR A 87 -7.09 -7.86 4.62
N GLY A 88 -8.11 -7.61 3.79
CA GLY A 88 -8.25 -8.35 2.55
C GLY A 88 -7.16 -8.02 1.55
N ARG A 89 -6.86 -6.72 1.38
CA ARG A 89 -5.76 -6.32 0.52
C ARG A 89 -4.43 -6.90 0.99
N ASN A 90 -4.27 -7.01 2.31
CA ASN A 90 -3.03 -7.57 2.87
C ASN A 90 -2.82 -9.01 2.41
N LEU A 91 -3.89 -9.80 2.40
CA LEU A 91 -3.79 -11.18 1.94
C LEU A 91 -3.55 -11.28 0.44
N LEU A 92 -3.94 -10.27 -0.33
CA LEU A 92 -3.68 -10.26 -1.76
C LEU A 92 -2.30 -9.71 -2.11
N SER A 93 -1.64 -9.04 -1.18
CA SER A 93 -0.31 -8.51 -1.44
C SER A 93 0.69 -9.64 -1.59
N PRO A 94 1.50 -9.65 -2.66
CA PRO A 94 2.55 -10.66 -2.77
C PRO A 94 3.60 -10.52 -1.68
N GLN A 95 3.80 -9.31 -1.16
CA GLN A 95 4.65 -9.06 -0.01
C GLN A 95 3.77 -8.77 1.20
N ARG A 96 3.71 -9.73 2.11
CA ARG A 96 2.93 -9.64 3.33
C ARG A 96 3.86 -9.55 4.54
N PRO A 97 3.34 -9.14 5.70
CA PRO A 97 4.10 -9.33 6.94
C PRO A 97 4.19 -10.81 7.29
N ARG A 98 5.22 -11.15 8.07
CA ARG A 98 5.57 -12.56 8.27
C ARG A 98 4.41 -13.36 8.86
N TYR A 99 3.67 -12.77 9.80
CA TYR A 99 2.65 -13.55 10.51
C TYR A 99 1.24 -13.12 10.11
N TRP A 100 0.99 -13.10 8.81
CA TRP A 100 -0.32 -12.76 8.26
C TRP A 100 -1.39 -13.80 8.57
N ARG A 101 -0.99 -15.03 8.92
CA ARG A 101 -1.93 -16.13 9.04
C ARG A 101 -2.86 -15.99 10.23
N GLY A 102 -2.60 -15.09 11.16
CA GLY A 102 -3.45 -14.92 12.32
C GLY A 102 -3.78 -13.47 12.60
N VAL A 103 -5.02 -13.23 13.00
CA VAL A 103 -5.47 -11.94 13.51
C VAL A 103 -5.68 -12.06 15.01
N LYS A 104 -5.15 -11.10 15.76
CA LYS A 104 -5.23 -11.11 17.21
C LYS A 104 -6.19 -10.02 17.68
N PHE A 105 -7.16 -10.41 18.50
CA PHE A 105 -8.23 -9.50 18.89
C PHE A 105 -7.83 -8.59 20.04
N ASN A 106 -6.85 -9.01 20.85
CA ASN A 106 -6.53 -8.27 22.08
C ASN A 106 -6.05 -6.86 21.82
N ASN A 107 -5.66 -6.54 20.59
CA ASN A 107 -5.21 -5.19 20.26
C ASN A 107 -6.32 -4.18 20.56
N PRO A 108 -6.07 -3.17 21.39
CA PRO A 108 -7.12 -2.17 21.65
C PRO A 108 -7.59 -1.46 20.40
N VAL A 109 -6.77 -1.39 19.37
CA VAL A 109 -7.20 -0.77 18.11
C VAL A 109 -8.15 -1.70 17.37
N PHE A 110 -7.92 -3.01 17.45
CA PHE A 110 -8.90 -3.94 16.90
C PHE A 110 -10.22 -3.85 17.66
N ARG A 111 -10.15 -3.74 18.99
CA ARG A 111 -11.35 -3.72 19.80
C ARG A 111 -12.20 -2.47 19.53
N SER A 112 -11.55 -1.36 19.17
CA SER A 112 -12.26 -0.12 18.95
C SER A 112 -12.64 0.12 17.49
N THR A 113 -12.19 -0.73 16.56
CA THR A 113 -12.58 -0.61 15.17
C THR A 113 -13.45 -1.78 14.74
N VAL A 114 -12.82 -2.90 14.39
CA VAL A 114 -13.56 -4.04 13.85
C VAL A 114 -14.50 -4.61 14.90
N ASP A 115 -14.00 -4.82 16.11
CA ASP A 115 -14.85 -5.39 17.16
C ASP A 115 -15.88 -4.39 17.69
N ALA A 116 -15.99 -3.20 17.13
CA ALA A 116 -17.00 -2.24 17.55
C ALA A 116 -18.32 -2.39 16.80
N VAL A 117 -18.41 -3.35 15.88
CA VAL A 117 -19.65 -3.61 15.14
C VAL A 117 -19.90 -5.11 15.13
N GLN A 118 -21.16 -5.50 15.27
CA GLN A 118 -21.53 -6.90 15.11
C GLN A 118 -21.29 -7.36 13.68
N GLY A 119 -20.70 -8.54 13.55
CA GLY A 119 -20.39 -9.12 12.26
C GLY A 119 -18.99 -8.84 11.75
N GLY A 120 -18.28 -7.89 12.38
CA GLY A 120 -16.95 -7.54 11.90
C GLY A 120 -16.00 -8.72 11.92
N ARG A 121 -16.00 -9.46 13.04
CA ARG A 121 -15.19 -10.67 13.14
C ARG A 121 -15.51 -11.65 12.02
N ASP A 122 -16.81 -11.86 11.75
CA ASP A 122 -17.23 -12.86 10.79
C ASP A 122 -16.74 -12.56 9.38
N VAL A 123 -16.46 -11.28 9.08
CA VAL A 123 -15.95 -10.93 7.76
C VAL A 123 -14.58 -11.56 7.54
N LEU A 124 -13.74 -11.53 8.58
CA LEU A 124 -12.41 -12.13 8.47
C LEU A 124 -12.49 -13.63 8.17
N ARG A 125 -13.56 -14.29 8.63
CA ARG A 125 -13.74 -15.69 8.30
C ARG A 125 -13.92 -15.89 6.79
N LEU A 126 -14.57 -14.94 6.12
CA LEU A 126 -14.76 -15.03 4.68
C LEU A 126 -13.43 -14.91 3.93
N TYR A 127 -12.42 -14.27 4.53
CA TYR A 127 -11.11 -14.23 3.92
C TYR A 127 -10.39 -15.57 4.05
N GLY A 128 -10.73 -16.36 5.07
CA GLY A 128 -10.07 -17.62 5.30
C GLY A 128 -9.61 -17.79 6.74
N TYR A 129 -9.63 -16.71 7.52
CA TYR A 129 -9.35 -16.77 8.96
C TYR A 129 -10.48 -17.55 9.64
N THR A 130 -10.42 -18.87 9.52
CA THR A 130 -11.56 -19.72 9.89
C THR A 130 -11.37 -20.45 11.21
N GLU A 131 -10.13 -20.69 11.64
CA GLU A 131 -9.88 -21.41 12.88
C GLU A 131 -10.00 -20.46 14.07
N GLU A 132 -10.83 -20.83 15.04
CA GLU A 132 -11.05 -20.00 16.21
C GLU A 132 -9.92 -20.17 17.22
N GLN A 133 -9.44 -19.04 17.74
CA GLN A 133 -8.43 -19.00 18.79
C GLN A 133 -9.01 -18.31 20.00
N PRO A 134 -8.41 -18.53 21.19
CA PRO A 134 -8.81 -17.69 22.34
C PRO A 134 -8.52 -16.23 22.12
N ASP A 135 -7.40 -15.91 21.47
CA ASP A 135 -6.97 -14.53 21.26
C ASP A 135 -7.25 -14.01 19.86
N GLY A 136 -7.91 -14.79 19.00
CA GLY A 136 -8.22 -14.28 17.66
C GLY A 136 -8.72 -15.36 16.73
N LEU A 137 -8.40 -15.19 15.45
CA LEU A 137 -8.78 -16.11 14.39
C LEU A 137 -7.58 -16.30 13.46
N SER A 138 -7.44 -17.51 12.91
CA SER A 138 -6.28 -17.81 12.10
C SER A 138 -6.67 -18.74 10.96
N PHE A 139 -5.77 -18.81 9.97
CA PHE A 139 -5.93 -19.75 8.87
C PHE A 139 -5.68 -21.18 9.36
N PRO A 140 -6.29 -22.17 8.72
CA PRO A 140 -5.93 -23.57 9.02
C PRO A 140 -4.46 -23.81 8.71
N GLU A 141 -3.77 -24.44 9.65
CA GLU A 141 -2.34 -24.66 9.51
C GLU A 141 -1.97 -25.47 8.28
N GLY A 142 -2.91 -26.24 7.73
CA GLY A 142 -2.64 -26.91 6.47
C GLY A 142 -2.63 -25.96 5.28
N GLN A 143 -3.56 -25.02 5.23
CA GLN A 143 -3.62 -24.05 4.15
C GLN A 143 -2.42 -23.13 4.23
N GLU A 144 -1.55 -23.17 3.21
CA GLU A 144 -0.33 -22.40 3.19
C GLU A 144 -0.44 -21.07 2.46
N GLU A 145 -1.49 -20.87 1.67
CA GLU A 145 -1.68 -19.65 0.91
C GLU A 145 -3.17 -19.36 0.82
N PRO A 146 -3.57 -18.09 0.78
CA PRO A 146 -5.01 -17.77 0.73
C PRO A 146 -5.61 -17.92 -0.65
N ASP A 147 -6.89 -18.26 -0.68
CA ASP A 147 -7.69 -18.28 -1.89
C ASP A 147 -7.76 -16.89 -2.49
N GLU A 148 -6.96 -16.61 -3.52
CA GLU A 148 -6.88 -15.27 -4.08
C GLU A 148 -8.23 -14.78 -4.58
N HIS A 149 -8.95 -15.63 -5.32
CA HIS A 149 -10.23 -15.23 -5.87
C HIS A 149 -11.25 -14.95 -4.78
N GLN A 150 -11.31 -15.82 -3.77
CA GLN A 150 -12.22 -15.58 -2.65
C GLN A 150 -11.89 -14.27 -1.95
N VAL A 151 -10.62 -14.07 -1.59
CA VAL A 151 -10.21 -12.85 -0.89
C VAL A 151 -10.54 -11.62 -1.74
N ALA A 152 -10.34 -11.73 -3.05
CA ALA A 152 -10.64 -10.60 -3.94
C ALA A 152 -12.11 -10.24 -3.91
N THR A 153 -12.99 -11.24 -4.00
CA THR A 153 -14.43 -10.98 -4.01
C THR A 153 -14.89 -10.33 -2.70
N VAL A 154 -14.49 -10.91 -1.57
CA VAL A 154 -14.85 -10.32 -0.27
C VAL A 154 -14.30 -8.91 -0.15
N THR A 155 -13.03 -8.70 -0.51
CA THR A 155 -12.43 -7.37 -0.44
C THR A 155 -13.23 -6.35 -1.25
N LEU A 156 -13.63 -6.74 -2.47
CA LEU A 156 -14.41 -5.84 -3.30
C LEU A 156 -15.75 -5.51 -2.64
N GLU A 157 -16.43 -6.53 -2.11
CA GLU A 157 -17.72 -6.30 -1.45
C GLU A 157 -17.57 -5.40 -0.24
N VAL A 158 -16.52 -5.61 0.56
CA VAL A 158 -16.29 -4.75 1.72
C VAL A 158 -15.98 -3.33 1.26
N LEU A 159 -15.21 -3.19 0.18
CA LEU A 159 -14.94 -1.86 -0.37
C LEU A 159 -16.23 -1.23 -0.89
N LEU A 160 -17.05 -2.01 -1.59
CA LEU A 160 -18.29 -1.48 -2.14
C LEU A 160 -19.25 -1.06 -1.03
N LEU A 161 -19.37 -1.88 0.02
CA LEU A 161 -20.31 -1.56 1.09
C LEU A 161 -19.93 -0.25 1.77
N ARG A 162 -18.65 -0.05 2.06
CA ARG A 162 -18.21 1.23 2.61
C ARG A 162 -18.54 2.37 1.64
N THR A 163 -18.30 2.15 0.35
CA THR A 163 -18.58 3.17 -0.65
C THR A 163 -20.05 3.54 -0.66
N GLU A 164 -20.93 2.53 -0.73
CA GLU A 164 -22.37 2.78 -0.75
C GLU A 164 -22.82 3.52 0.51
N LEU A 165 -22.25 3.17 1.67
CA LEU A 165 -22.59 3.88 2.90
C LEU A 165 -22.16 5.33 2.83
N SER A 166 -20.98 5.60 2.27
CA SER A 166 -20.51 6.98 2.15
C SER A 166 -21.40 7.78 1.23
N LEU A 167 -21.87 7.16 0.13
CA LEU A 167 -22.74 7.88 -0.79
C LEU A 167 -24.12 8.13 -0.20
N LEU A 168 -24.61 7.23 0.65
CA LEU A 168 -25.81 7.51 1.42
C LEU A 168 -25.56 8.62 2.44
N LEU A 169 -24.35 8.69 2.97
CA LEU A 169 -24.02 9.72 3.96
C LEU A 169 -24.07 11.12 3.35
N GLN A 170 -23.61 11.26 2.11
CA GLN A 170 -23.60 12.56 1.44
C GLN A 170 -24.85 12.81 0.62
N ASN A 171 -25.87 11.94 0.74
CA ASN A 171 -27.12 12.09 0.00
C ASN A 171 -26.88 12.06 -1.51
N THR A 172 -26.03 11.12 -1.97
CA THR A 172 -25.63 11.10 -3.37
C THR A 172 -25.58 9.69 -3.97
N HIS A 173 -26.21 8.71 -3.34
CA HIS A 173 -26.23 7.36 -3.91
C HIS A 173 -27.07 7.37 -5.19
N PRO A 174 -26.58 6.76 -6.28
CA PRO A 174 -27.36 6.78 -7.53
C PRO A 174 -28.71 6.10 -7.41
N ARG A 175 -28.81 5.10 -6.55
CA ARG A 175 -30.10 4.47 -6.27
C ARG A 175 -30.44 4.63 -4.80
N GLN A 176 -30.35 5.86 -4.31
CA GLN A 176 -30.55 6.14 -2.89
C GLN A 176 -31.92 5.71 -2.41
N GLN A 177 -32.93 5.81 -3.28
CA GLN A 177 -34.32 5.54 -2.88
C GLN A 177 -34.48 4.10 -2.38
N ALA A 178 -34.07 3.13 -3.18
CA ALA A 178 -34.26 1.73 -2.80
C ALA A 178 -33.39 1.35 -1.61
N LEU A 179 -32.17 1.90 -1.54
CA LEU A 179 -31.22 1.54 -0.50
C LEU A 179 -31.40 2.34 0.79
N GLU A 180 -32.31 3.32 0.81
CA GLU A 180 -32.61 4.06 2.03
C GLU A 180 -33.25 3.18 3.10
N GLN A 181 -33.69 1.97 2.76
CA GLN A 181 -34.32 1.10 3.75
C GLN A 181 -33.34 0.69 4.84
N LEU A 182 -32.05 0.64 4.53
CA LEU A 182 -31.05 0.15 5.47
C LEU A 182 -30.78 1.18 6.58
N GLY B 8 25.89 -4.18 -25.37
CA GLY B 8 26.29 -3.43 -26.55
C GLY B 8 26.18 -1.93 -26.37
N GLU B 9 26.76 -1.18 -27.31
CA GLU B 9 26.74 0.28 -27.20
C GLU B 9 25.32 0.82 -27.27
N GLU B 10 24.52 0.32 -28.22
CA GLU B 10 23.12 0.74 -28.36
C GLU B 10 22.38 0.56 -27.03
N GLU B 11 22.37 -0.68 -26.53
CA GLU B 11 21.65 -1.00 -25.30
C GLU B 11 22.10 -0.14 -24.13
N GLU B 12 23.40 0.22 -24.10
CA GLU B 12 23.87 1.13 -23.06
C GLU B 12 23.32 2.53 -23.28
N ARG B 13 23.31 3.01 -24.54
CA ARG B 13 22.81 4.35 -24.81
C ARG B 13 21.33 4.47 -24.51
N ALA B 14 20.53 3.52 -24.99
CA ALA B 14 19.10 3.55 -24.74
C ALA B 14 18.79 3.53 -23.25
N PHE B 15 19.61 2.82 -22.46
CA PHE B 15 19.40 2.77 -21.02
C PHE B 15 19.68 4.12 -20.37
N LEU B 16 20.76 4.78 -20.78
CA LEU B 16 21.15 6.04 -20.16
C LEU B 16 20.28 7.20 -20.63
N VAL B 17 19.71 7.11 -21.83
CA VAL B 17 18.84 8.18 -22.32
C VAL B 17 17.50 8.15 -21.60
N ALA B 18 16.97 6.94 -21.34
CA ALA B 18 15.70 6.82 -20.65
C ALA B 18 15.82 7.17 -19.17
N ARG B 19 16.96 6.88 -18.56
CA ARG B 19 17.20 7.33 -17.19
C ARG B 19 17.17 8.85 -17.11
N GLU B 20 17.77 9.54 -18.09
CA GLU B 20 17.72 10.99 -18.13
C GLU B 20 16.29 11.49 -18.32
N GLU B 21 15.51 10.79 -19.15
CA GLU B 21 14.13 11.21 -19.39
C GLU B 21 13.30 11.13 -18.12
N LEU B 22 13.51 10.08 -17.32
CA LEU B 22 12.72 9.88 -16.12
C LEU B 22 13.24 10.69 -14.95
N ALA B 23 14.56 10.84 -14.83
CA ALA B 23 15.11 11.71 -13.79
C ALA B 23 14.77 13.16 -14.05
N SER B 24 14.64 13.56 -15.32
CA SER B 24 14.18 14.90 -15.64
C SER B 24 12.69 15.05 -15.36
N ALA B 25 11.91 14.00 -15.60
CA ALA B 25 10.49 14.04 -15.25
C ALA B 25 10.31 14.24 -13.76
N LEU B 26 11.14 13.59 -12.94
CA LEU B 26 11.06 13.75 -11.49
C LEU B 26 11.38 15.18 -11.08
N ARG B 27 12.33 15.82 -11.76
CA ARG B 27 12.67 17.20 -11.45
C ARG B 27 11.55 18.16 -11.85
N ARG B 28 10.80 17.85 -12.90
CA ARG B 28 9.66 18.68 -13.29
C ARG B 28 8.46 18.46 -12.39
N ASP B 29 8.28 17.24 -11.87
CA ASP B 29 7.14 16.93 -11.00
C ASP B 29 7.60 15.86 -10.02
N SER B 30 7.86 16.26 -8.77
CA SER B 30 8.40 15.35 -7.77
C SER B 30 7.38 14.33 -7.30
N GLY B 31 6.08 14.55 -7.54
CA GLY B 31 5.07 13.62 -7.09
C GLY B 31 4.59 12.71 -8.21
N GLN B 32 5.38 12.63 -9.28
CA GLN B 32 4.98 11.90 -10.46
C GLN B 32 5.08 10.39 -10.25
N ALA B 33 3.98 9.69 -10.50
CA ALA B 33 3.97 8.24 -10.49
C ALA B 33 4.35 7.72 -11.86
N PHE B 34 5.15 6.67 -11.90
CA PHE B 34 5.58 6.04 -13.14
C PHE B 34 4.90 4.69 -13.29
N SER B 35 4.25 4.48 -14.42
CA SER B 35 3.64 3.19 -14.71
C SER B 35 4.69 2.19 -15.15
N LEU B 36 4.28 0.93 -15.29
CA LEU B 36 5.18 -0.09 -15.79
C LEU B 36 5.63 0.22 -17.21
N GLU B 37 4.70 0.72 -18.04
CA GLU B 37 5.03 1.01 -19.43
C GLU B 37 6.06 2.13 -19.54
N GLN B 38 5.97 3.14 -18.66
CA GLN B 38 6.99 4.18 -18.63
C GLN B 38 8.33 3.66 -18.12
N LEU B 39 8.33 2.55 -17.38
CA LEU B 39 9.54 1.98 -16.80
C LEU B 39 10.09 0.81 -17.60
N ARG B 40 9.38 0.33 -18.62
CA ARG B 40 9.87 -0.76 -19.45
C ARG B 40 11.26 -0.53 -20.03
N PRO B 41 11.62 0.65 -20.55
CA PRO B 41 12.99 0.84 -21.06
C PRO B 41 14.08 0.54 -20.04
N LEU B 42 13.79 0.58 -18.74
CA LEU B 42 14.78 0.36 -17.71
C LEU B 42 14.76 -1.06 -17.15
N LEU B 43 13.57 -1.63 -16.93
CA LEU B 43 13.49 -2.95 -16.33
C LEU B 43 13.50 -4.07 -17.37
N ALA B 44 13.05 -3.80 -18.59
CA ALA B 44 13.18 -4.77 -19.67
C ALA B 44 14.51 -4.69 -20.39
N SER B 45 15.41 -3.81 -19.94
CA SER B 45 16.71 -3.67 -20.58
C SER B 45 17.56 -4.92 -20.36
N SER B 46 18.37 -5.24 -21.36
CA SER B 46 19.21 -6.44 -21.31
C SER B 46 20.52 -6.21 -20.58
N LEU B 47 20.66 -5.11 -19.86
CA LEU B 47 21.92 -4.81 -19.18
C LEU B 47 22.04 -5.59 -17.87
N PRO B 48 23.27 -5.89 -17.44
CA PRO B 48 23.45 -6.60 -16.17
C PRO B 48 23.18 -5.70 -14.97
N LEU B 49 23.25 -6.27 -13.77
CA LEU B 49 22.93 -5.50 -12.56
C LEU B 49 24.01 -4.47 -12.23
N ALA B 50 25.28 -4.78 -12.53
CA ALA B 50 26.35 -3.85 -12.21
C ALA B 50 26.24 -2.56 -13.02
N ALA B 51 25.83 -2.67 -14.27
CA ALA B 51 25.64 -1.50 -15.14
C ALA B 51 24.25 -0.89 -15.00
N ARG B 52 23.37 -1.51 -14.23
CA ARG B 52 22.01 -1.03 -14.05
C ARG B 52 21.90 0.01 -12.93
N TYR B 53 22.64 -0.18 -11.85
CA TYR B 53 22.56 0.68 -10.67
C TYR B 53 23.92 1.35 -10.49
N LEU B 54 24.00 2.61 -10.89
CA LEU B 54 25.26 3.35 -10.88
C LEU B 54 25.56 4.00 -9.55
N GLN B 55 24.55 4.25 -8.72
CA GLN B 55 24.73 4.80 -7.38
C GLN B 55 24.33 3.84 -6.27
N LEU B 56 23.23 3.12 -6.44
CA LEU B 56 22.77 2.17 -5.44
C LEU B 56 23.62 0.91 -5.47
N ASP B 57 24.05 0.45 -4.30
CA ASP B 57 24.69 -0.86 -4.19
C ASP B 57 23.60 -1.92 -4.02
N ALA B 58 22.86 -2.14 -5.12
CA ALA B 58 21.74 -3.06 -5.11
C ALA B 58 22.17 -4.47 -4.70
N ALA B 59 23.40 -4.86 -5.06
CA ALA B 59 23.90 -6.17 -4.66
C ALA B 59 23.89 -6.32 -3.14
N ARG B 60 24.50 -5.37 -2.43
CA ARG B 60 24.60 -5.47 -0.98
C ARG B 60 23.24 -5.24 -0.31
N LEU B 61 22.41 -4.35 -0.88
CA LEU B 61 21.14 -4.03 -0.25
C LEU B 61 20.23 -5.25 -0.17
N VAL B 62 20.28 -6.13 -1.17
CA VAL B 62 19.44 -7.33 -1.14
C VAL B 62 20.14 -8.50 -0.46
N ARG B 63 21.45 -8.66 -0.70
CA ARG B 63 22.17 -9.79 -0.13
C ARG B 63 22.30 -9.66 1.39
N CYS B 64 22.61 -8.47 1.89
CA CYS B 64 22.86 -8.28 3.31
C CYS B 64 21.59 -8.19 4.15
N ASN B 65 20.41 -8.25 3.53
CA ASN B 65 19.14 -8.23 4.25
C ASN B 65 18.25 -9.42 3.90
N ALA B 66 18.83 -10.49 3.38
CA ALA B 66 18.07 -11.65 2.92
C ALA B 66 17.83 -12.68 4.00
N HIS B 67 17.57 -12.26 5.24
CA HIS B 67 17.27 -13.19 6.31
C HIS B 67 15.81 -13.63 6.24
N GLY B 68 15.61 -14.95 6.20
CA GLY B 68 14.27 -15.51 6.14
C GLY B 68 13.82 -15.82 4.73
N GLU B 69 12.51 -15.96 4.57
CA GLU B 69 12.02 -16.26 3.23
C GLU B 69 11.74 -14.96 2.47
N PRO B 70 12.01 -14.97 1.15
CA PRO B 70 11.81 -13.77 0.33
C PRO B 70 10.48 -13.04 0.54
N ARG B 71 9.46 -13.73 1.03
CA ARG B 71 8.15 -13.09 1.15
C ARG B 71 8.10 -12.10 2.31
N ASN B 72 9.04 -12.16 3.25
CA ASN B 72 9.08 -11.21 4.36
C ASN B 72 10.20 -10.18 4.24
N TYR B 73 11.43 -10.61 3.96
CA TYR B 73 12.51 -9.63 3.95
C TYR B 73 12.44 -8.71 2.74
N LEU B 74 11.75 -9.12 1.67
CA LEU B 74 11.44 -8.17 0.61
C LEU B 74 10.38 -7.17 1.05
N ASN B 75 9.45 -7.60 1.90
CA ASN B 75 8.48 -6.68 2.48
C ASN B 75 9.18 -5.62 3.32
N THR B 76 10.21 -6.01 4.07
CA THR B 76 10.99 -5.03 4.83
C THR B 76 11.85 -4.18 3.90
N LEU B 77 12.46 -4.80 2.89
CA LEU B 77 13.32 -4.03 1.98
C LEU B 77 12.50 -3.06 1.15
N SER B 78 11.32 -3.47 0.70
CA SER B 78 10.47 -2.57 -0.08
C SER B 78 10.04 -1.36 0.74
N THR B 79 9.68 -1.58 2.01
CA THR B 79 9.27 -0.46 2.86
C THR B 79 10.39 0.55 3.02
N ALA B 80 11.61 0.08 3.33
CA ALA B 80 12.74 0.99 3.48
C ALA B 80 13.00 1.75 2.18
N LEU B 81 13.03 1.04 1.05
CA LEU B 81 13.29 1.70 -0.23
C LEU B 81 12.20 2.70 -0.56
N ASN B 82 10.94 2.32 -0.36
CA ASN B 82 9.83 3.25 -0.59
C ASN B 82 10.00 4.55 0.20
N ILE B 83 10.43 4.43 1.46
CA ILE B 83 10.60 5.62 2.29
C ILE B 83 11.80 6.45 1.80
N LEU B 84 12.92 5.79 1.48
CA LEU B 84 14.07 6.50 0.94
C LEU B 84 13.72 7.19 -0.38
N GLU B 85 12.86 6.57 -1.18
CA GLU B 85 12.34 7.23 -2.38
C GLU B 85 11.62 8.54 -2.02
N LYS B 86 10.82 8.52 -0.94
CA LYS B 86 10.11 9.72 -0.53
C LYS B 86 11.08 10.82 -0.09
N TYR B 87 12.17 10.45 0.58
CA TYR B 87 13.19 11.43 0.94
C TYR B 87 13.77 12.11 -0.30
N GLY B 88 13.94 11.36 -1.38
CA GLY B 88 14.48 11.95 -2.60
C GLY B 88 13.49 12.86 -3.29
N ARG B 89 12.25 12.39 -3.47
CA ARG B 89 11.20 13.25 -4.02
C ARG B 89 11.03 14.51 -3.18
N ASN B 90 11.21 14.39 -1.87
CA ASN B 90 11.07 15.52 -0.96
C ASN B 90 12.04 16.65 -1.32
N LEU B 91 13.26 16.29 -1.72
CA LEU B 91 14.27 17.30 -2.01
C LEU B 91 14.03 18.00 -3.34
N LEU B 92 13.21 17.41 -4.22
CA LEU B 92 12.84 18.03 -5.49
C LEU B 92 11.45 18.64 -5.47
N SER B 93 10.79 18.66 -4.30
CA SER B 93 9.40 19.05 -4.15
C SER B 93 9.27 20.54 -3.86
N PRO B 94 8.20 21.17 -4.37
CA PRO B 94 7.96 22.59 -4.06
C PRO B 94 7.48 22.81 -2.64
N GLN B 95 7.08 21.75 -1.93
CA GLN B 95 6.72 21.86 -0.52
C GLN B 95 7.82 21.27 0.34
N ARG B 96 9.01 21.86 0.27
CA ARG B 96 10.16 21.33 1.01
C ARG B 96 10.07 21.75 2.47
N PRO B 97 10.11 20.81 3.42
CA PRO B 97 10.01 21.20 4.84
C PRO B 97 11.23 21.98 5.29
N ARG B 98 11.05 22.71 6.39
CA ARG B 98 12.07 23.67 6.82
C ARG B 98 13.40 23.00 7.13
N TYR B 99 13.37 21.92 7.91
CA TYR B 99 14.60 21.24 8.32
C TYR B 99 14.99 20.11 7.38
N TRP B 100 14.87 20.35 6.06
CA TRP B 100 15.18 19.33 5.07
C TRP B 100 16.66 18.98 5.02
N ARG B 101 17.54 19.86 5.50
CA ARG B 101 18.98 19.64 5.40
C ARG B 101 19.49 18.52 6.29
N GLY B 102 18.67 17.99 7.18
CA GLY B 102 19.10 16.94 8.08
C GLY B 102 18.02 15.90 8.29
N VAL B 103 18.46 14.66 8.49
CA VAL B 103 17.59 13.55 8.81
C VAL B 103 18.01 12.97 10.15
N LYS B 104 17.08 12.94 11.11
CA LYS B 104 17.34 12.39 12.42
C LYS B 104 17.00 10.90 12.44
N PHE B 105 17.80 10.13 13.15
CA PHE B 105 17.65 8.68 13.17
C PHE B 105 16.92 8.17 14.40
N ASN B 106 16.74 8.99 15.43
CA ASN B 106 16.17 8.56 16.70
C ASN B 106 14.67 8.39 16.66
N ASN B 107 14.02 8.74 15.56
CA ASN B 107 12.59 8.50 15.45
C ASN B 107 12.33 7.00 15.36
N PRO B 108 11.43 6.44 16.19
CA PRO B 108 11.06 5.02 16.02
C PRO B 108 10.49 4.72 14.66
N VAL B 109 9.97 5.72 13.94
CA VAL B 109 9.52 5.49 12.57
C VAL B 109 10.71 5.23 11.66
N PHE B 110 11.76 6.05 11.80
CA PHE B 110 12.98 5.83 11.01
C PHE B 110 13.68 4.54 11.44
N ARG B 111 13.72 4.27 12.75
CA ARG B 111 14.41 3.08 13.23
C ARG B 111 13.79 1.79 12.70
N SER B 112 12.47 1.79 12.49
CA SER B 112 11.77 0.59 12.04
C SER B 112 11.47 0.59 10.55
N THR B 113 11.92 1.62 9.81
CA THR B 113 11.78 1.62 8.37
C THR B 113 13.15 1.61 7.70
N VAL B 114 13.75 2.81 7.56
CA VAL B 114 15.04 2.91 6.88
C VAL B 114 16.11 2.16 7.65
N ASP B 115 16.14 2.32 8.97
CA ASP B 115 17.13 1.64 9.80
C ASP B 115 16.78 0.19 10.10
N ALA B 116 15.77 -0.36 9.43
CA ALA B 116 15.48 -1.78 9.55
C ALA B 116 16.31 -2.64 8.60
N VAL B 117 16.96 -2.03 7.62
CA VAL B 117 17.78 -2.73 6.64
C VAL B 117 19.20 -2.18 6.68
N GLN B 118 20.17 -3.06 6.49
CA GLN B 118 21.57 -2.62 6.45
C GLN B 118 21.85 -1.91 5.14
N GLY B 119 22.47 -0.74 5.23
CA GLY B 119 22.68 0.11 4.08
C GLY B 119 21.60 1.13 3.85
N GLY B 120 20.51 1.09 4.62
CA GLY B 120 19.43 2.04 4.48
C GLY B 120 19.86 3.47 4.63
N ARG B 121 20.45 3.81 5.78
CA ARG B 121 20.87 5.19 6.02
C ARG B 121 22.01 5.62 5.10
N ASP B 122 22.75 4.66 4.52
CA ASP B 122 23.78 5.01 3.56
C ASP B 122 23.18 5.66 2.32
N VAL B 123 22.01 5.19 1.89
CA VAL B 123 21.35 5.75 0.71
C VAL B 123 21.10 7.24 0.87
N LEU B 124 20.89 7.71 2.11
CA LEU B 124 20.68 9.13 2.33
C LEU B 124 21.92 9.94 1.97
N ARG B 125 23.11 9.37 2.17
CA ARG B 125 24.33 10.08 1.80
C ARG B 125 24.40 10.35 0.31
N LEU B 126 23.85 9.45 -0.52
CA LEU B 126 23.81 9.69 -1.95
C LEU B 126 22.96 10.90 -2.30
N TYR B 127 21.96 11.21 -1.48
CA TYR B 127 21.16 12.41 -1.70
C TYR B 127 21.91 13.68 -1.36
N GLY B 128 22.95 13.60 -0.53
CA GLY B 128 23.69 14.78 -0.13
C GLY B 128 23.80 14.93 1.38
N TYR B 129 23.18 14.00 2.12
CA TYR B 129 23.29 13.95 3.57
C TYR B 129 24.62 13.29 3.94
N THR B 130 25.70 14.05 3.81
CA THR B 130 27.04 13.49 3.92
C THR B 130 27.69 13.73 5.27
N GLU B 131 27.40 14.84 5.93
CA GLU B 131 28.03 15.17 7.21
C GLU B 131 27.37 14.37 8.32
N GLU B 132 28.13 13.47 8.95
CA GLU B 132 27.62 12.71 10.08
C GLU B 132 27.42 13.64 11.27
N GLN B 133 26.27 13.51 11.92
CA GLN B 133 25.82 14.41 12.97
C GLN B 133 25.44 13.61 14.20
N PRO B 134 25.25 14.28 15.36
CA PRO B 134 24.80 13.56 16.57
C PRO B 134 23.56 12.71 16.35
N ASP B 135 22.47 13.34 15.91
CA ASP B 135 21.23 12.61 15.67
C ASP B 135 21.37 11.66 14.48
N GLY B 136 21.63 12.21 13.30
CA GLY B 136 21.72 11.40 12.09
C GLY B 136 22.67 11.91 11.05
N LEU B 137 22.13 12.43 9.95
CA LEU B 137 22.92 12.92 8.83
C LEU B 137 22.41 14.29 8.41
N SER B 138 23.32 15.10 7.88
CA SER B 138 22.98 16.45 7.50
C SER B 138 23.79 16.87 6.28
N PHE B 139 23.22 17.79 5.51
CA PHE B 139 23.96 18.41 4.42
C PHE B 139 25.14 19.20 4.98
N PRO B 140 26.22 19.35 4.21
CA PRO B 140 27.35 20.14 4.71
C PRO B 140 27.01 21.62 4.79
N GLU B 141 27.62 22.29 5.78
CA GLU B 141 27.41 23.71 5.96
C GLU B 141 27.87 24.46 4.70
N GLY B 142 27.02 25.37 4.23
CA GLY B 142 27.34 26.12 3.03
C GLY B 142 26.91 25.47 1.74
N GLN B 143 25.79 24.74 1.75
CA GLN B 143 25.21 24.15 0.55
C GLN B 143 23.75 24.58 0.55
N GLU B 144 23.45 25.71 -0.10
CA GLU B 144 22.13 26.30 0.00
C GLU B 144 21.04 25.41 -0.59
N GLU B 145 21.38 24.60 -1.59
CA GLU B 145 20.40 23.81 -2.31
C GLU B 145 20.95 22.42 -2.55
N PRO B 146 20.08 21.43 -2.78
CA PRO B 146 20.55 20.10 -3.16
C PRO B 146 20.83 20.00 -4.65
N ASP B 147 21.67 19.02 -4.99
CA ASP B 147 22.00 18.72 -6.39
C ASP B 147 20.84 17.94 -6.98
N GLU B 148 20.00 18.61 -7.76
CA GLU B 148 18.75 17.99 -8.22
C GLU B 148 18.98 16.89 -9.25
N HIS B 149 20.10 16.97 -10.00
CA HIS B 149 20.45 15.87 -10.91
C HIS B 149 20.86 14.63 -10.13
N GLN B 150 21.71 14.81 -9.12
CA GLN B 150 22.11 13.70 -8.26
C GLN B 150 20.90 13.09 -7.57
N VAL B 151 20.02 13.92 -7.03
CA VAL B 151 18.89 13.43 -6.25
C VAL B 151 17.92 12.66 -7.13
N ALA B 152 17.59 13.22 -8.31
CA ALA B 152 16.64 12.57 -9.20
C ALA B 152 17.15 11.21 -9.64
N THR B 153 18.45 11.10 -9.93
CA THR B 153 19.02 9.82 -10.35
C THR B 153 18.92 8.79 -9.24
N VAL B 154 19.31 9.17 -8.02
CA VAL B 154 19.24 8.23 -6.89
C VAL B 154 17.78 7.84 -6.62
N THR B 155 16.88 8.82 -6.67
CA THR B 155 15.46 8.52 -6.48
C THR B 155 14.97 7.53 -7.53
N LEU B 156 15.40 7.69 -8.78
CA LEU B 156 15.00 6.78 -9.84
C LEU B 156 15.52 5.38 -9.59
N GLU B 157 16.76 5.26 -9.09
CA GLU B 157 17.33 3.95 -8.82
C GLU B 157 16.64 3.27 -7.65
N VAL B 158 16.31 4.02 -6.59
CA VAL B 158 15.56 3.44 -5.47
C VAL B 158 14.17 3.01 -5.92
N LEU B 159 13.54 3.81 -6.79
CA LEU B 159 12.25 3.42 -7.37
C LEU B 159 12.39 2.13 -8.18
N LEU B 160 13.42 2.06 -9.02
CA LEU B 160 13.59 0.91 -9.91
C LEU B 160 13.84 -0.36 -9.11
N LEU B 161 14.71 -0.28 -8.10
CA LEU B 161 15.05 -1.47 -7.32
C LEU B 161 13.82 -2.06 -6.65
N ARG B 162 12.99 -1.22 -6.02
CA ARG B 162 11.76 -1.69 -5.41
C ARG B 162 10.82 -2.28 -6.45
N THR B 163 10.70 -1.61 -7.60
CA THR B 163 9.87 -2.14 -8.68
C THR B 163 10.37 -3.51 -9.14
N GLU B 164 11.68 -3.66 -9.28
CA GLU B 164 12.22 -4.93 -9.74
C GLU B 164 11.95 -6.05 -8.73
N LEU B 165 12.20 -5.78 -7.44
CA LEU B 165 11.95 -6.78 -6.42
C LEU B 165 10.50 -7.26 -6.43
N SER B 166 9.56 -6.31 -6.43
CA SER B 166 8.14 -6.68 -6.46
C SER B 166 7.80 -7.48 -7.70
N LEU B 167 8.37 -7.08 -8.85
CA LEU B 167 8.05 -7.78 -10.10
C LEU B 167 8.62 -9.19 -10.11
N LEU B 168 9.83 -9.37 -9.59
CA LEU B 168 10.44 -10.70 -9.58
C LEU B 168 9.76 -11.64 -8.59
N LEU B 169 9.20 -11.09 -7.52
CA LEU B 169 8.54 -11.92 -6.52
C LEU B 169 7.35 -12.66 -7.12
N GLN B 170 6.42 -11.92 -7.73
CA GLN B 170 5.23 -12.52 -8.32
C GLN B 170 5.51 -13.23 -9.63
N ASN B 171 6.75 -13.20 -10.13
CA ASN B 171 7.12 -13.83 -11.39
C ASN B 171 6.32 -13.23 -12.55
N THR B 172 6.43 -11.91 -12.69
CA THR B 172 5.68 -11.17 -13.69
C THR B 172 6.57 -10.07 -14.28
N HIS B 173 7.80 -10.44 -14.65
CA HIS B 173 8.79 -9.43 -15.00
C HIS B 173 9.69 -9.95 -16.12
N PRO B 174 9.84 -9.20 -17.21
CA PRO B 174 10.79 -9.62 -18.25
C PRO B 174 12.21 -9.56 -17.73
N ARG B 175 13.00 -10.59 -18.08
CA ARG B 175 14.38 -10.84 -17.63
C ARG B 175 14.40 -11.52 -16.27
N GLN B 176 13.68 -12.63 -16.14
CA GLN B 176 13.70 -13.42 -14.90
C GLN B 176 14.99 -14.22 -14.80
N ASP C 1 -8.05 7.29 2.03
CA ASP C 1 -8.69 7.02 3.31
C ASP C 1 -8.14 7.95 4.39
N PRO C 2 -8.98 8.28 5.38
CA PRO C 2 -8.55 9.21 6.42
C PRO C 2 -7.32 8.70 7.16
N ALA C 3 -6.42 9.63 7.49
CA ALA C 3 -5.17 9.26 8.16
C ALA C 3 -5.42 8.64 9.53
N ILE C 4 -6.52 8.99 10.19
CA ILE C 4 -6.84 8.40 11.49
C ILE C 4 -7.07 6.89 11.34
N VAL C 5 -7.61 6.46 10.20
CA VAL C 5 -7.79 5.03 9.98
C VAL C 5 -6.46 4.36 9.67
N GLN C 6 -5.57 5.07 8.97
CA GLN C 6 -4.25 4.53 8.69
C GLN C 6 -3.44 4.33 9.97
N CYS C 7 -3.64 5.20 10.96
CA CYS C 7 -3.06 4.97 12.27
C CYS C 7 -3.55 3.65 12.87
N ALA C 8 -4.86 3.42 12.81
CA ALA C 8 -5.41 2.17 13.32
C ALA C 8 -4.81 0.97 12.59
N TRP C 9 -4.79 1.01 11.26
CA TRP C 9 -4.31 -0.11 10.47
C TRP C 9 -2.84 -0.40 10.75
N ALA C 10 -2.03 0.64 10.97
CA ALA C 10 -0.61 0.44 11.23
C ALA C 10 -0.39 -0.30 12.54
N ALA C 11 -1.21 -0.03 13.56
CA ALA C 11 -1.13 -0.80 14.79
C ALA C 11 -1.48 -2.27 14.54
N LEU C 12 -2.51 -2.54 13.73
CA LEU C 12 -2.89 -3.92 13.44
C LEU C 12 -1.86 -4.60 12.54
N TYR C 13 -1.30 -3.84 11.59
CA TYR C 13 -0.23 -4.37 10.73
C TYR C 13 1.01 -4.71 11.54
N CYS C 14 1.30 -3.92 12.58
CA CYS C 14 2.39 -4.26 13.50
C CYS C 14 2.18 -5.62 14.14
N ASP C 15 0.95 -5.91 14.55
CA ASP C 15 0.66 -7.18 15.22
C ASP C 15 0.93 -8.38 14.34
N MET C 16 1.05 -8.16 13.02
CA MET C 16 1.33 -9.24 12.09
C MET C 16 2.81 -9.36 11.73
N GLN C 17 3.64 -8.38 12.12
CA GLN C 17 5.07 -8.45 11.84
C GLN C 17 5.85 -9.15 12.96
N ASP D 1 3.11 -2.11 1.77
CA ASP D 1 1.77 -1.59 2.01
C ASP D 1 1.75 -0.08 1.83
N PRO D 2 1.00 0.40 0.83
CA PRO D 2 0.99 1.85 0.57
C PRO D 2 0.42 2.67 1.72
N ALA D 3 -0.54 2.13 2.48
CA ALA D 3 -1.03 2.84 3.65
C ALA D 3 0.01 2.90 4.75
N ILE D 4 0.82 1.84 4.89
CA ILE D 4 1.88 1.85 5.89
C ILE D 4 2.97 2.85 5.51
N VAL D 5 3.29 2.94 4.22
CA VAL D 5 4.36 3.84 3.78
C VAL D 5 3.94 5.28 3.95
N GLN D 6 2.73 5.64 3.51
CA GLN D 6 2.28 7.02 3.63
C GLN D 6 2.12 7.44 5.09
N CYS D 7 1.69 6.50 5.95
CA CYS D 7 1.57 6.80 7.37
C CYS D 7 2.94 7.05 8.00
N ALA D 8 3.93 6.22 7.66
CA ALA D 8 5.29 6.44 8.17
C ALA D 8 5.89 7.70 7.57
N TRP D 9 5.68 7.93 6.27
CA TRP D 9 6.22 9.13 5.64
C TRP D 9 5.62 10.40 6.24
N ALA D 10 4.32 10.37 6.54
CA ALA D 10 3.68 11.54 7.15
C ALA D 10 4.35 11.92 8.46
N ALA D 11 4.77 10.93 9.25
CA ALA D 11 5.44 11.21 10.51
C ALA D 11 6.89 11.66 10.29
N LEU D 12 7.58 11.07 9.32
CA LEU D 12 8.94 11.49 9.02
C LEU D 12 8.96 12.88 8.39
N TYR D 13 7.99 13.15 7.51
CA TYR D 13 7.90 14.46 6.88
C TYR D 13 7.70 15.56 7.92
N CYS D 14 6.76 15.35 8.85
CA CYS D 14 6.49 16.37 9.84
C CYS D 14 7.64 16.53 10.84
N ASP D 15 8.46 15.48 11.02
CA ASP D 15 9.68 15.63 11.80
C ASP D 15 10.65 16.62 11.15
N MET D 16 10.65 16.69 9.82
CA MET D 16 11.47 17.68 9.12
C MET D 16 10.83 19.06 9.08
N GLN D 17 9.63 19.21 9.63
CA GLN D 17 8.92 20.49 9.60
C GLN D 17 9.16 21.28 10.89
#